data_1MCE
#
_entry.id   1MCE
#
_cell.length_a   72.300
_cell.length_b   72.300
_cell.length_c   185.900
_cell.angle_alpha   90.00
_cell.angle_beta   90.00
_cell.angle_gamma   120.00
#
_symmetry.space_group_name_H-M   'P 31 2 1'
#
loop_
_entity.id
_entity.type
_entity.pdbx_description
1 polymer 'Immunoglobulin lambda-1 light chain'
2 polymer 'PEPTIDE N-ACETYL-L-GLN-D-PHE-L-HIS-D-PRO-B-ALA-OH'
#
loop_
_entity_poly.entity_id
_entity_poly.type
_entity_poly.pdbx_seq_one_letter_code
_entity_poly.pdbx_strand_id
1 'polypeptide(L)'
;PSALTQPPSASGSLGQSVTISCTGTSSDVGGYNYVSWYQQHAGKAPKVIIYEVNKRPSGVPDRFSGSKSGNTASLTVSGL
QAEDEADYYCSSYEGSDNFVFGTGTKVTVLGQPKANPTVTLFPPSSEELQANKATLVCLISDFYPGAVTVAWKADGSPVK
AGVETTKPSKQSNNKYAASSYLSLTPEQWKSHRSYSCQVTHEGSTVEKTVAPTECS
;
A,B
2 'polypeptide(L)' (ACE)Q(DPN)H(DPR)(BAL) P
#
# COMPACT_ATOMS: atom_id res chain seq x y z
N PRO A 1 -25.04 20.47 -2.80
CA PRO A 1 -24.10 20.69 -3.90
C PRO A 1 -23.72 19.35 -4.52
N SER A 2 -22.80 19.45 -5.45
CA SER A 2 -22.43 18.32 -6.32
C SER A 2 -21.11 17.70 -5.86
N ALA A 3 -20.94 16.46 -6.27
CA ALA A 3 -19.54 15.92 -6.44
C ALA A 3 -18.94 16.71 -7.61
N LEU A 4 -17.85 17.43 -7.34
CA LEU A 4 -17.21 18.27 -8.36
C LEU A 4 -16.95 17.40 -9.61
N THR A 5 -17.73 17.72 -10.62
CA THR A 5 -17.72 16.97 -11.89
C THR A 5 -16.30 16.64 -12.32
N GLN A 6 -16.08 15.35 -12.39
CA GLN A 6 -14.80 14.73 -12.76
C GLN A 6 -15.14 13.40 -13.45
N PRO A 7 -14.63 13.28 -14.67
CA PRO A 7 -14.81 12.05 -15.48
C PRO A 7 -14.32 10.85 -14.70
N PRO A 8 -14.99 9.71 -14.88
CA PRO A 8 -14.78 8.55 -14.01
C PRO A 8 -13.71 7.61 -14.52
N SER A 9 -13.10 7.94 -15.65
CA SER A 9 -12.07 7.10 -16.28
C SER A 9 -11.48 7.81 -17.49
N ALA A 10 -10.20 7.65 -17.73
CA ALA A 10 -9.48 8.23 -18.87
C ALA A 10 -8.39 7.28 -19.35
N SER A 11 -8.27 7.05 -20.65
CA SER A 11 -7.29 6.06 -21.16
C SER A 11 -6.09 6.74 -21.80
N GLY A 12 -5.33 5.95 -22.57
CA GLY A 12 -4.27 6.54 -23.44
C GLY A 12 -3.38 5.45 -24.03
N SER A 13 -2.07 5.64 -23.87
CA SER A 13 -1.07 4.61 -24.22
C SER A 13 0.34 5.19 -24.16
N LEU A 14 1.32 4.33 -24.34
CA LEU A 14 2.74 4.72 -24.35
C LEU A 14 2.85 6.01 -25.15
N GLY A 15 3.33 7.04 -24.47
CA GLY A 15 3.52 8.33 -25.17
C GLY A 15 2.31 8.93 -25.84
N GLN A 16 1.10 8.60 -25.43
CA GLN A 16 -0.14 9.34 -25.77
C GLN A 16 -0.32 10.35 -24.62
N SER A 17 -1.56 10.70 -24.35
CA SER A 17 -1.90 11.69 -23.32
C SER A 17 -3.33 11.49 -22.82
N VAL A 18 -3.66 12.42 -21.94
CA VAL A 18 -5.09 12.63 -21.55
C VAL A 18 -5.12 13.99 -20.83
N THR A 19 -6.26 14.63 -20.90
CA THR A 19 -6.46 15.92 -20.20
C THR A 19 -7.80 15.93 -19.48
N ILE A 20 -7.75 16.19 -18.18
CA ILE A 20 -8.88 15.94 -17.26
C ILE A 20 -9.38 17.21 -16.58
N SER A 21 -10.69 17.32 -16.45
CA SER A 21 -11.35 18.49 -15.87
C SER A 21 -11.76 18.33 -14.40
N CYS A 22 -11.51 19.43 -13.70
CA CYS A 22 -12.01 19.68 -12.33
C CYS A 22 -13.17 20.67 -12.63
N THR A 23 -14.38 20.24 -12.38
CA THR A 23 -15.52 21.08 -12.85
C THR A 23 -16.42 21.42 -11.69
N GLY A 24 -16.54 22.75 -11.50
CA GLY A 24 -17.52 23.19 -10.44
C GLY A 24 -18.03 24.58 -10.80
N THR A 25 -18.19 25.41 -9.77
CA THR A 25 -18.77 26.73 -9.85
C THR A 25 -17.82 27.90 -9.59
N SER A 26 -18.39 29.07 -9.88
CA SER A 26 -17.84 30.39 -9.68
C SER A 26 -17.53 30.71 -8.23
N SER A 27 -17.92 29.82 -7.34
CA SER A 27 -17.64 30.00 -5.89
C SER A 27 -16.22 29.52 -5.62
N ASP A 28 -15.82 28.55 -6.46
CA ASP A 28 -14.61 27.75 -6.13
C ASP A 28 -13.60 27.67 -7.24
N VAL A 29 -13.96 27.03 -8.34
CA VAL A 29 -13.08 26.85 -9.51
C VAL A 29 -12.93 28.24 -10.17
N GLY A 30 -14.14 28.72 -10.47
CA GLY A 30 -14.32 30.18 -10.81
C GLY A 30 -14.33 30.82 -9.40
N GLY A 31 -13.68 31.95 -9.31
CA GLY A 31 -13.30 32.50 -7.98
C GLY A 31 -11.76 32.56 -7.95
N TYR A 32 -11.15 31.60 -7.28
CA TYR A 32 -9.72 31.69 -6.97
C TYR A 32 -8.86 30.78 -7.83
N ASN A 33 -7.67 31.30 -8.14
CA ASN A 33 -6.75 30.73 -9.12
C ASN A 33 -6.11 29.42 -8.69
N TYR A 34 -6.43 29.01 -7.47
CA TYR A 34 -5.79 27.83 -6.88
C TYR A 34 -6.61 26.55 -7.13
N VAL A 35 -6.10 25.79 -8.08
CA VAL A 35 -6.58 24.46 -8.44
C VAL A 35 -5.42 23.47 -8.14
N SER A 36 -5.73 22.64 -7.17
CA SER A 36 -4.81 21.57 -6.77
C SER A 36 -5.24 20.23 -7.37
N TRP A 37 -4.25 19.49 -7.82
CA TRP A 37 -4.45 18.16 -8.37
C TRP A 37 -3.56 17.16 -7.61
N TYR A 38 -4.18 16.01 -7.42
CA TYR A 38 -3.74 14.84 -6.71
C TYR A 38 -3.41 13.69 -7.66
N GLN A 39 -2.38 12.99 -7.28
CA GLN A 39 -1.98 11.71 -7.87
C GLN A 39 -2.04 10.76 -6.63
N GLN A 40 -3.04 9.92 -6.65
CA GLN A 40 -3.14 8.93 -5.53
C GLN A 40 -3.35 7.58 -6.25
N HIS A 41 -2.32 6.79 -6.06
CA HIS A 41 -2.30 5.40 -6.55
C HIS A 41 -3.27 4.59 -5.69
N ALA A 42 -3.85 3.58 -6.30
CA ALA A 42 -4.78 2.65 -5.66
C ALA A 42 -4.70 2.62 -4.14
N GLY A 43 -5.64 3.30 -3.51
CA GLY A 43 -5.86 3.38 -2.10
C GLY A 43 -4.84 3.99 -1.19
N LYS A 44 -3.71 4.47 -1.69
CA LYS A 44 -2.61 4.99 -0.86
C LYS A 44 -2.57 6.51 -0.89
N ALA A 45 -1.50 7.04 -0.31
CA ALA A 45 -1.22 8.46 -0.18
C ALA A 45 -1.49 9.25 -1.46
N PRO A 46 -2.46 10.15 -1.31
CA PRO A 46 -2.66 11.25 -2.27
C PRO A 46 -1.37 12.06 -2.33
N LYS A 47 -1.04 12.47 -3.54
CA LYS A 47 0.18 13.26 -3.79
C LYS A 47 -0.17 14.53 -4.55
N VAL A 48 0.45 15.62 -4.10
CA VAL A 48 0.24 16.93 -4.76
C VAL A 48 1.12 16.91 -6.01
N ILE A 49 0.42 16.94 -7.14
CA ILE A 49 1.12 16.99 -8.43
C ILE A 49 1.15 18.38 -9.02
N ILE A 50 0.23 19.23 -8.60
CA ILE A 50 0.07 20.60 -9.14
C ILE A 50 -0.84 21.35 -8.17
N TYR A 51 -0.67 22.64 -7.95
CA TYR A 51 -1.45 23.28 -6.86
C TYR A 51 -2.16 24.59 -7.10
N GLU A 52 -1.61 25.40 -7.96
CA GLU A 52 -2.25 26.64 -8.45
C GLU A 52 -1.92 26.63 -9.94
N VAL A 53 -2.98 26.88 -10.69
CA VAL A 53 -2.86 26.87 -12.17
C VAL A 53 -2.13 25.59 -12.56
N ASN A 54 -0.89 25.76 -12.96
CA ASN A 54 0.04 24.66 -13.27
C ASN A 54 1.32 25.01 -12.47
N LYS A 55 1.26 24.54 -11.24
CA LYS A 55 2.38 24.67 -10.30
C LYS A 55 2.69 23.27 -9.74
N ARG A 56 3.53 22.57 -10.51
CA ARG A 56 4.08 21.27 -10.09
C ARG A 56 5.20 21.51 -9.08
N PRO A 57 5.08 20.84 -7.95
CA PRO A 57 5.97 21.05 -6.80
C PRO A 57 7.38 20.55 -7.06
N SER A 58 8.14 21.37 -7.75
CA SER A 58 9.51 21.16 -8.16
C SER A 58 9.82 19.80 -8.73
N GLY A 59 9.56 18.75 -7.98
CA GLY A 59 9.90 17.37 -8.35
C GLY A 59 8.67 16.55 -8.69
N VAL A 60 8.14 16.82 -9.88
CA VAL A 60 7.00 16.07 -10.42
C VAL A 60 7.27 15.70 -11.88
N PRO A 61 7.19 14.40 -12.08
CA PRO A 61 7.05 13.77 -13.38
C PRO A 61 6.45 14.56 -14.52
N ASP A 62 6.95 14.19 -15.69
CA ASP A 62 6.33 14.28 -17.00
C ASP A 62 5.81 15.62 -17.45
N ARG A 63 5.16 15.53 -18.63
CA ARG A 63 4.41 16.60 -19.28
C ARG A 63 3.04 16.55 -18.56
N PHE A 64 3.19 16.97 -17.33
CA PHE A 64 2.12 17.16 -16.35
C PHE A 64 1.80 18.68 -16.35
N SER A 65 0.69 18.98 -17.00
CA SER A 65 0.23 20.37 -17.12
C SER A 65 -1.11 20.49 -16.39
N GLY A 66 -1.44 21.73 -16.12
CA GLY A 66 -2.69 22.16 -15.52
C GLY A 66 -3.05 23.50 -16.20
N SER A 67 -4.16 23.47 -16.92
CA SER A 67 -4.76 24.68 -17.49
C SER A 67 -6.19 24.82 -16.98
N LYS A 68 -6.42 25.97 -16.36
CA LYS A 68 -7.75 26.42 -15.91
C LYS A 68 -8.46 27.12 -17.07
N SER A 69 -9.62 26.62 -17.40
CA SER A 69 -10.50 27.20 -18.41
C SER A 69 -11.96 27.27 -17.97
N GLY A 70 -12.37 28.48 -17.56
CA GLY A 70 -13.70 28.81 -17.07
C GLY A 70 -13.99 28.39 -15.64
N ASN A 71 -14.96 27.51 -15.53
CA ASN A 71 -15.32 26.83 -14.27
C ASN A 71 -14.60 25.47 -14.25
N THR A 72 -13.90 25.30 -15.38
CA THR A 72 -13.23 24.01 -15.61
C THR A 72 -11.74 24.28 -15.42
N ALA A 73 -11.12 23.38 -14.69
CA ALA A 73 -9.64 23.35 -14.66
C ALA A 73 -9.35 21.98 -15.31
N SER A 74 -8.10 21.76 -15.61
CA SER A 74 -7.73 20.54 -16.37
C SER A 74 -6.24 20.26 -16.17
N LEU A 75 -5.93 18.97 -16.14
CA LEU A 75 -4.56 18.47 -16.08
C LEU A 75 -4.26 17.69 -17.36
N THR A 76 -3.01 17.74 -17.77
CA THR A 76 -2.49 17.16 -18.99
C THR A 76 -1.37 16.17 -18.64
N VAL A 77 -1.42 15.01 -19.25
CA VAL A 77 -0.33 14.02 -19.06
C VAL A 77 0.01 13.46 -20.47
N SER A 78 1.09 14.06 -20.95
CA SER A 78 1.71 13.71 -22.23
C SER A 78 3.05 13.04 -21.78
N GLY A 79 2.98 11.75 -21.91
CA GLY A 79 4.06 10.85 -21.43
C GLY A 79 3.20 9.85 -20.59
N LEU A 80 2.34 9.20 -21.39
CA LEU A 80 1.56 8.11 -20.78
C LEU A 80 2.62 7.01 -20.53
N GLN A 81 3.00 7.09 -19.28
CA GLN A 81 3.82 6.10 -18.58
C GLN A 81 2.77 5.21 -17.88
N ALA A 82 3.10 4.00 -17.55
CA ALA A 82 2.20 3.14 -16.75
C ALA A 82 2.07 3.71 -15.33
N GLU A 83 3.19 4.30 -14.94
CA GLU A 83 3.49 4.92 -13.69
C GLU A 83 2.41 5.89 -13.20
N ASP A 84 1.40 6.04 -14.00
CA ASP A 84 0.32 7.03 -13.73
C ASP A 84 -0.82 6.20 -13.15
N GLU A 85 -1.46 5.49 -14.07
CA GLU A 85 -2.62 4.64 -13.75
C GLU A 85 -2.95 4.72 -12.26
N ALA A 86 -3.95 5.57 -11.99
CA ALA A 86 -4.19 6.10 -10.65
C ALA A 86 -5.56 6.74 -10.51
N ASP A 87 -5.78 7.24 -9.30
CA ASP A 87 -6.97 8.07 -8.98
C ASP A 87 -6.41 9.49 -8.80
N TYR A 88 -6.71 10.23 -9.86
CA TYR A 88 -6.22 11.63 -9.95
C TYR A 88 -7.39 12.48 -9.45
N TYR A 89 -7.12 13.23 -8.39
CA TYR A 89 -8.23 14.10 -7.87
C TYR A 89 -7.82 15.54 -8.11
N CYS A 90 -8.78 16.44 -7.93
CA CYS A 90 -8.51 17.87 -7.86
C CYS A 90 -9.15 18.36 -6.54
N SER A 91 -8.99 19.65 -6.36
CA SER A 91 -9.62 20.36 -5.23
C SER A 91 -9.31 21.84 -5.43
N SER A 92 -10.30 22.64 -5.03
CA SER A 92 -10.07 24.11 -5.00
C SER A 92 -10.61 24.69 -3.68
N TYR A 93 -10.24 25.95 -3.51
CA TYR A 93 -10.73 26.79 -2.41
C TYR A 93 -12.24 26.97 -2.55
N GLU A 94 -12.82 27.31 -1.42
CA GLU A 94 -14.30 27.47 -1.34
C GLU A 94 -14.58 28.68 -0.45
N GLY A 95 -13.49 29.27 0.03
CA GLY A 95 -13.52 30.36 1.00
C GLY A 95 -13.57 29.77 2.41
N SER A 96 -13.98 30.61 3.34
CA SER A 96 -14.19 30.34 4.74
C SER A 96 -13.46 29.14 5.31
N ASP A 97 -12.25 28.93 4.82
CA ASP A 97 -11.42 27.75 5.20
C ASP A 97 -12.35 26.55 4.91
N ASN A 98 -12.42 26.32 3.61
CA ASN A 98 -13.22 25.28 2.98
C ASN A 98 -12.47 24.94 1.65
N PHE A 99 -12.48 23.67 1.38
CA PHE A 99 -11.87 23.13 0.17
C PHE A 99 -12.72 21.92 -0.23
N VAL A 100 -13.09 22.04 -1.51
CA VAL A 100 -13.93 20.94 -2.07
C VAL A 100 -13.13 20.25 -3.16
N PHE A 101 -13.29 18.95 -3.11
CA PHE A 101 -12.57 17.97 -3.90
C PHE A 101 -13.31 17.56 -5.17
N GLY A 102 -12.50 17.22 -6.15
CA GLY A 102 -13.08 16.74 -7.45
C GLY A 102 -13.67 15.38 -7.07
N THR A 103 -14.42 14.81 -8.00
CA THR A 103 -15.10 13.54 -7.71
C THR A 103 -14.48 12.30 -8.29
N GLY A 104 -14.26 12.25 -9.59
CA GLY A 104 -13.93 11.05 -10.32
C GLY A 104 -12.47 10.77 -10.55
N THR A 105 -12.24 10.10 -11.67
CA THR A 105 -11.10 9.72 -12.38
C THR A 105 -10.02 8.79 -11.83
N LYS A 106 -10.04 7.62 -12.48
CA LYS A 106 -9.00 6.59 -12.43
C LYS A 106 -8.35 6.46 -13.81
N VAL A 107 -7.15 6.98 -13.98
CA VAL A 107 -6.38 7.03 -15.21
C VAL A 107 -5.81 5.67 -15.62
N THR A 108 -6.05 5.35 -16.88
CA THR A 108 -5.76 4.10 -17.53
C THR A 108 -4.90 4.25 -18.78
N VAL A 109 -3.73 3.65 -18.74
CA VAL A 109 -2.86 3.60 -19.95
C VAL A 109 -3.40 2.42 -20.78
N LEU A 110 -3.37 2.56 -22.11
CA LEU A 110 -3.47 1.26 -22.88
C LEU A 110 -2.10 0.98 -23.49
N GLY A 111 -2.05 -0.12 -24.23
CA GLY A 111 -0.80 -0.59 -24.85
C GLY A 111 -0.05 -1.55 -23.93
N GLN A 112 -0.08 -1.26 -22.65
CA GLN A 112 0.61 -2.01 -21.61
C GLN A 112 0.75 -3.50 -21.95
N PRO A 113 2.00 -3.96 -21.91
CA PRO A 113 2.39 -5.29 -22.34
C PRO A 113 2.07 -6.36 -21.31
N LYS A 114 1.94 -7.58 -21.83
CA LYS A 114 1.75 -8.77 -21.00
C LYS A 114 3.11 -9.19 -20.42
N ALA A 115 3.02 -9.65 -19.21
CA ALA A 115 4.08 -10.09 -18.33
C ALA A 115 3.56 -11.37 -17.66
N ASN A 116 4.31 -12.41 -17.88
CA ASN A 116 4.03 -13.72 -17.29
C ASN A 116 4.80 -13.77 -15.95
N PRO A 117 4.10 -14.27 -14.94
CA PRO A 117 4.58 -14.23 -13.56
C PRO A 117 5.78 -15.12 -13.32
N THR A 118 6.72 -14.62 -12.53
CA THR A 118 7.83 -15.49 -12.06
C THR A 118 7.28 -16.04 -10.73
N VAL A 119 7.17 -17.35 -10.74
CA VAL A 119 6.62 -18.10 -9.60
C VAL A 119 7.82 -18.57 -8.80
N THR A 120 7.92 -18.08 -7.58
CA THR A 120 8.97 -18.63 -6.69
C THR A 120 8.36 -19.32 -5.49
N LEU A 121 8.60 -20.63 -5.43
CA LEU A 121 8.06 -21.49 -4.38
C LEU A 121 9.08 -21.66 -3.25
N PHE A 122 8.53 -21.61 -2.06
CA PHE A 122 9.28 -21.67 -0.81
C PHE A 122 8.84 -22.84 0.07
N PRO A 123 9.69 -23.85 0.11
CA PRO A 123 9.75 -24.83 1.21
C PRO A 123 9.66 -24.15 2.58
N PRO A 124 9.29 -24.96 3.57
CA PRO A 124 9.09 -24.49 4.95
C PRO A 124 10.41 -24.05 5.57
N SER A 125 10.33 -23.14 6.52
CA SER A 125 11.57 -22.71 7.23
C SER A 125 11.86 -23.76 8.31
N SER A 126 13.15 -23.95 8.51
CA SER A 126 13.70 -24.82 9.56
C SER A 126 13.33 -24.30 10.95
N GLU A 127 13.51 -23.03 11.20
CA GLU A 127 13.03 -22.36 12.42
C GLU A 127 11.56 -22.64 12.68
N GLU A 128 10.73 -22.56 11.64
CA GLU A 128 9.28 -22.78 11.73
C GLU A 128 9.00 -24.26 11.96
N LEU A 129 9.87 -25.04 11.34
CA LEU A 129 9.85 -26.50 11.35
C LEU A 129 10.16 -27.03 12.74
N GLN A 130 11.06 -26.31 13.39
CA GLN A 130 11.49 -26.59 14.77
C GLN A 130 10.35 -26.17 15.69
N ALA A 131 9.67 -25.11 15.24
CA ALA A 131 8.45 -24.67 15.93
C ALA A 131 7.30 -25.65 15.74
N ASN A 132 7.50 -26.62 14.85
CA ASN A 132 6.46 -27.63 14.56
C ASN A 132 5.31 -26.90 13.85
N LYS A 133 5.71 -26.24 12.81
CA LYS A 133 4.83 -25.50 11.88
C LYS A 133 5.49 -25.74 10.51
N ALA A 134 4.70 -26.22 9.57
CA ALA A 134 5.26 -26.37 8.20
C ALA A 134 4.38 -25.51 7.31
N THR A 135 4.95 -24.46 6.74
CA THR A 135 4.12 -23.59 5.86
C THR A 135 4.90 -23.32 4.59
N LEU A 136 4.18 -23.66 3.53
CA LEU A 136 4.68 -23.52 2.14
C LEU A 136 4.06 -22.28 1.52
N VAL A 137 4.87 -21.50 0.82
CA VAL A 137 4.42 -20.29 0.14
C VAL A 137 4.80 -20.29 -1.34
N CYS A 138 3.86 -19.87 -2.16
CA CYS A 138 4.04 -19.67 -3.60
C CYS A 138 4.01 -18.17 -3.87
N LEU A 139 5.15 -17.64 -4.27
CA LEU A 139 5.22 -16.23 -4.65
C LEU A 139 4.95 -16.11 -6.17
N ILE A 140 4.22 -15.06 -6.47
CA ILE A 140 3.94 -14.69 -7.88
C ILE A 140 4.33 -13.22 -8.03
N SER A 141 5.33 -13.00 -8.88
CA SER A 141 5.84 -11.64 -9.13
C SER A 141 5.80 -11.31 -10.61
N ASP A 142 5.82 -10.01 -10.90
CA ASP A 142 6.08 -9.45 -12.22
C ASP A 142 4.88 -9.40 -13.15
N PHE A 143 3.89 -10.23 -12.96
CA PHE A 143 2.87 -10.49 -13.98
C PHE A 143 1.99 -9.27 -14.27
N TYR A 144 1.83 -9.01 -15.56
CA TYR A 144 0.78 -8.12 -16.11
C TYR A 144 0.09 -8.92 -17.21
N PRO A 145 -1.20 -8.80 -17.43
CA PRO A 145 -2.21 -8.21 -16.58
C PRO A 145 -2.35 -8.81 -15.19
N GLY A 146 -3.45 -8.42 -14.54
CA GLY A 146 -3.79 -8.67 -13.18
C GLY A 146 -4.49 -9.91 -12.71
N ALA A 147 -5.17 -10.66 -13.55
CA ALA A 147 -5.80 -11.93 -13.16
C ALA A 147 -4.74 -13.02 -13.14
N VAL A 148 -4.73 -13.77 -12.05
CA VAL A 148 -3.77 -14.88 -11.83
C VAL A 148 -4.53 -16.01 -11.16
N THR A 149 -4.31 -17.24 -11.61
CA THR A 149 -5.06 -18.38 -10.95
C THR A 149 -4.06 -19.36 -10.39
N VAL A 150 -4.23 -19.76 -9.13
CA VAL A 150 -3.29 -20.64 -8.46
C VAL A 150 -3.96 -21.92 -7.97
N ALA A 151 -3.11 -22.94 -7.92
CA ALA A 151 -3.45 -24.28 -7.46
C ALA A 151 -2.27 -24.77 -6.61
N TRP A 152 -2.62 -25.54 -5.61
CA TRP A 152 -1.62 -26.23 -4.78
C TRP A 152 -1.79 -27.71 -5.12
N LYS A 153 -0.72 -28.46 -4.95
CA LYS A 153 -0.74 -29.89 -5.25
C LYS A 153 0.12 -30.69 -4.28
N ALA A 154 -0.43 -31.83 -3.87
CA ALA A 154 0.36 -32.89 -3.23
C ALA A 154 1.17 -33.66 -4.27
N ASP A 155 0.68 -34.82 -4.64
CA ASP A 155 1.31 -35.74 -5.61
C ASP A 155 0.27 -35.89 -6.74
N GLY A 156 -0.15 -34.72 -7.21
CA GLY A 156 -1.46 -34.66 -7.92
C GLY A 156 -2.49 -34.94 -6.78
N SER A 157 -3.58 -35.57 -7.17
CA SER A 157 -4.74 -35.73 -6.26
C SER A 157 -4.94 -34.35 -5.60
N PRO A 158 -5.39 -33.45 -6.44
CA PRO A 158 -5.17 -32.00 -6.26
C PRO A 158 -4.76 -31.55 -4.89
N VAL A 159 -5.67 -31.63 -3.94
CA VAL A 159 -5.40 -31.27 -2.54
C VAL A 159 -5.44 -29.75 -2.35
N LYS A 160 -6.45 -29.34 -1.60
CA LYS A 160 -6.68 -27.93 -1.32
C LYS A 160 -6.33 -27.54 0.11
N ALA A 161 -7.24 -27.87 1.00
CA ALA A 161 -7.32 -27.54 2.39
C ALA A 161 -6.16 -26.81 3.02
N GLY A 162 -6.53 -25.76 3.75
CA GLY A 162 -5.57 -24.96 4.55
C GLY A 162 -4.74 -24.07 3.63
N VAL A 163 -5.37 -23.75 2.52
CA VAL A 163 -4.72 -23.05 1.40
C VAL A 163 -5.20 -21.61 1.31
N GLU A 164 -4.26 -20.68 1.20
CA GLU A 164 -4.63 -19.27 0.97
C GLU A 164 -3.86 -18.72 -0.22
N THR A 165 -4.44 -17.67 -0.78
CA THR A 165 -3.98 -16.97 -1.99
C THR A 165 -4.28 -15.48 -1.76
N THR A 166 -3.36 -14.61 -2.13
CA THR A 166 -3.70 -13.15 -2.01
C THR A 166 -3.94 -12.53 -3.37
N LYS A 167 -4.81 -11.53 -3.37
CA LYS A 167 -5.36 -10.91 -4.59
C LYS A 167 -4.48 -9.75 -5.07
N PRO A 168 -4.12 -9.81 -6.35
CA PRO A 168 -2.93 -9.18 -6.89
C PRO A 168 -2.74 -7.70 -6.69
N SER A 169 -1.54 -7.40 -6.20
CA SER A 169 -1.08 -6.05 -5.86
C SER A 169 -0.15 -5.52 -6.93
N LYS A 170 -0.26 -4.23 -7.23
CA LYS A 170 0.62 -3.57 -8.21
C LYS A 170 1.92 -3.21 -7.48
N GLN A 171 2.98 -2.99 -8.22
CA GLN A 171 4.31 -2.93 -7.56
C GLN A 171 5.22 -1.87 -8.12
N SER A 172 6.51 -2.18 -8.14
CA SER A 172 7.60 -1.41 -8.68
C SER A 172 7.38 -0.94 -10.12
N ASN A 173 6.19 -1.17 -10.61
CA ASN A 173 5.73 -0.87 -11.96
C ASN A 173 4.28 -1.34 -12.00
N ASN A 174 3.57 -1.20 -13.09
CA ASN A 174 2.17 -1.73 -13.10
C ASN A 174 2.32 -3.22 -13.44
N LYS A 175 3.20 -3.80 -12.67
CA LYS A 175 3.39 -5.26 -12.69
C LYS A 175 2.87 -5.71 -11.29
N TYR A 176 2.22 -6.85 -11.32
CA TYR A 176 1.56 -7.37 -10.13
C TYR A 176 2.32 -8.52 -9.46
N ALA A 177 1.87 -8.67 -8.22
CA ALA A 177 2.36 -9.58 -7.22
C ALA A 177 1.21 -10.17 -6.41
N ALA A 178 1.25 -11.47 -6.31
CA ALA A 178 0.35 -12.27 -5.46
C ALA A 178 1.20 -13.29 -4.73
N SER A 179 0.59 -13.96 -3.77
CA SER A 179 1.23 -15.05 -3.01
C SER A 179 0.21 -16.16 -2.76
N SER A 180 0.66 -17.14 -1.98
CA SER A 180 -0.20 -18.27 -1.59
C SER A 180 0.43 -19.19 -0.57
N TYR A 181 -0.31 -19.54 0.48
CA TYR A 181 0.21 -20.47 1.48
C TYR A 181 -0.58 -21.78 1.58
N LEU A 182 0.16 -22.72 2.15
CA LEU A 182 -0.28 -24.04 2.58
C LEU A 182 0.25 -24.12 4.04
N SER A 183 -0.68 -23.97 4.94
CA SER A 183 -0.38 -24.16 6.38
C SER A 183 -0.50 -25.68 6.61
N LEU A 184 0.62 -26.34 6.58
CA LEU A 184 0.75 -27.77 6.78
C LEU A 184 1.50 -28.02 8.12
N THR A 185 1.44 -29.28 8.46
CA THR A 185 2.31 -29.83 9.51
C THR A 185 3.43 -30.59 8.79
N PRO A 186 4.37 -31.02 9.61
CA PRO A 186 5.57 -31.70 9.08
C PRO A 186 5.16 -33.03 8.48
N GLU A 187 4.06 -33.57 8.99
CA GLU A 187 3.61 -34.91 8.59
C GLU A 187 2.96 -34.87 7.23
N GLN A 188 2.27 -33.79 6.94
CA GLN A 188 1.62 -33.63 5.62
C GLN A 188 2.73 -33.34 4.58
N TRP A 189 3.72 -32.64 5.10
CA TRP A 189 4.84 -32.14 4.25
C TRP A 189 5.84 -33.23 3.91
N LYS A 190 6.24 -33.86 4.97
CA LYS A 190 7.28 -34.86 5.07
C LYS A 190 6.56 -36.21 5.17
N SER A 191 6.41 -36.74 3.98
CA SER A 191 5.84 -38.03 3.65
C SER A 191 5.94 -38.11 2.11
N HIS A 192 5.56 -36.98 1.52
CA HIS A 192 5.30 -36.87 0.09
C HIS A 192 6.59 -36.80 -0.72
N ARG A 193 6.44 -37.09 -2.01
CA ARG A 193 7.55 -36.96 -2.98
C ARG A 193 7.88 -35.46 -3.06
N SER A 194 6.82 -34.73 -3.40
CA SER A 194 6.87 -33.25 -3.46
C SER A 194 5.51 -32.65 -3.13
N TYR A 195 5.46 -31.33 -3.20
CA TYR A 195 4.19 -30.56 -3.34
C TYR A 195 4.40 -29.66 -4.56
N SER A 196 3.36 -29.00 -5.04
CA SER A 196 3.45 -28.15 -6.24
C SER A 196 2.39 -27.07 -6.38
N CYS A 197 2.87 -25.86 -6.61
CA CYS A 197 2.07 -24.68 -6.88
C CYS A 197 1.97 -24.49 -8.40
N GLN A 198 0.77 -24.61 -8.92
CA GLN A 198 0.53 -24.41 -10.36
C GLN A 198 -0.17 -23.06 -10.55
N VAL A 199 0.52 -22.21 -11.33
CA VAL A 199 -0.02 -20.84 -11.52
C VAL A 199 -0.35 -20.65 -13.00
N THR A 200 -1.45 -19.98 -13.26
CA THR A 200 -1.90 -19.66 -14.61
C THR A 200 -2.03 -18.15 -14.83
N HIS A 201 -1.83 -17.82 -16.09
CA HIS A 201 -1.87 -16.42 -16.59
C HIS A 201 -2.15 -16.47 -18.09
N GLU A 202 -3.26 -15.87 -18.50
CA GLU A 202 -3.69 -15.78 -19.88
C GLU A 202 -3.35 -17.03 -20.68
N GLY A 203 -3.94 -18.13 -20.25
CA GLY A 203 -3.84 -19.42 -20.97
C GLY A 203 -2.70 -20.25 -20.37
N SER A 204 -1.56 -19.58 -20.33
CA SER A 204 -0.28 -20.16 -19.95
C SER A 204 -0.23 -20.64 -18.51
N THR A 205 0.26 -21.86 -18.33
CA THR A 205 0.41 -22.42 -16.98
C THR A 205 1.88 -22.68 -16.68
N VAL A 206 2.25 -22.21 -15.50
CA VAL A 206 3.50 -22.53 -14.82
C VAL A 206 3.12 -23.64 -13.83
N GLU A 207 4.14 -24.23 -13.29
CA GLU A 207 4.07 -25.21 -12.21
C GLU A 207 5.40 -25.03 -11.47
N LYS A 208 5.33 -25.08 -10.18
CA LYS A 208 6.51 -24.88 -9.29
C LYS A 208 6.46 -26.02 -8.28
N THR A 209 7.56 -26.71 -8.05
CA THR A 209 7.53 -27.87 -7.14
C THR A 209 8.52 -27.73 -6.00
N VAL A 210 8.21 -28.43 -4.90
CA VAL A 210 9.12 -28.52 -3.75
C VAL A 210 9.18 -29.95 -3.20
N ALA A 211 10.42 -30.38 -2.98
CA ALA A 211 10.75 -31.65 -2.31
C ALA A 211 11.46 -31.38 -0.98
N PRO A 212 11.02 -32.08 0.06
CA PRO A 212 11.72 -32.08 1.36
C PRO A 212 13.19 -32.40 1.12
N THR A 213 13.97 -31.33 1.07
CA THR A 213 15.38 -31.38 0.71
C THR A 213 16.14 -30.23 1.38
N GLU A 214 15.63 -29.03 1.25
CA GLU A 214 15.99 -27.78 1.80
C GLU A 214 17.37 -27.18 1.83
N CYS A 215 18.43 -27.94 1.88
CA CYS A 215 19.80 -27.46 2.15
C CYS A 215 19.93 -26.94 3.58
N SER A 216 20.02 -25.64 3.73
CA SER A 216 20.29 -24.95 4.98
C SER A 216 19.21 -25.14 6.05
N PRO B 1 10.00 15.61 1.70
CA PRO B 1 9.68 14.18 1.43
C PRO B 1 8.59 13.78 2.41
N SER B 2 7.89 12.68 2.18
CA SER B 2 6.77 12.33 3.10
C SER B 2 7.37 11.69 4.36
N ALA B 3 7.71 12.62 5.25
CA ALA B 3 8.28 12.37 6.56
C ALA B 3 7.20 12.34 7.63
N LEU B 4 5.95 12.31 7.22
CA LEU B 4 4.83 12.22 8.19
C LEU B 4 4.39 10.76 8.36
N THR B 5 5.01 10.15 9.35
CA THR B 5 4.76 8.78 9.78
C THR B 5 3.48 8.64 10.58
N GLN B 6 2.68 7.67 10.22
CA GLN B 6 1.34 7.43 10.79
C GLN B 6 1.15 5.94 11.10
N PRO B 7 0.38 5.67 12.14
CA PRO B 7 -0.03 4.31 12.47
C PRO B 7 -0.93 3.73 11.39
N PRO B 8 -0.66 2.49 11.02
CA PRO B 8 -1.50 1.70 10.11
C PRO B 8 -2.93 1.57 10.62
N SER B 9 -3.26 0.40 11.15
CA SER B 9 -4.58 0.18 11.75
C SER B 9 -4.72 1.15 12.93
N ALA B 10 -5.92 1.62 13.06
CA ALA B 10 -6.45 2.28 14.28
C ALA B 10 -7.89 1.73 14.28
N SER B 11 -8.39 1.43 15.43
CA SER B 11 -9.63 0.63 15.49
C SER B 11 -10.28 0.83 16.84
N GLY B 12 -11.59 0.64 16.84
CA GLY B 12 -12.33 0.69 18.12
C GLY B 12 -13.76 0.18 17.96
N SER B 13 -14.41 0.19 19.12
CA SER B 13 -15.83 -0.06 19.22
C SER B 13 -16.59 1.29 19.23
N LEU B 14 -17.86 1.11 18.86
CA LEU B 14 -18.83 2.21 18.96
C LEU B 14 -18.77 2.66 20.44
N GLY B 15 -18.48 3.94 20.55
CA GLY B 15 -18.21 4.49 21.92
C GLY B 15 -16.73 4.90 21.88
N GLN B 16 -15.85 3.98 22.22
CA GLN B 16 -14.49 4.42 22.61
C GLN B 16 -13.79 5.26 21.52
N SER B 17 -12.91 6.07 22.10
CA SER B 17 -12.24 7.20 21.49
C SER B 17 -10.88 6.87 20.89
N VAL B 18 -10.96 6.43 19.64
CA VAL B 18 -9.75 6.09 18.87
C VAL B 18 -8.96 7.32 18.44
N THR B 19 -7.69 7.29 18.79
CA THR B 19 -6.74 8.34 18.37
C THR B 19 -5.88 7.89 17.20
N ILE B 20 -5.41 8.90 16.48
CA ILE B 20 -4.60 8.71 15.25
C ILE B 20 -3.51 9.79 15.30
N SER B 21 -2.35 9.41 15.76
CA SER B 21 -1.18 10.30 15.82
C SER B 21 -0.61 10.44 14.39
N CYS B 22 0.29 11.37 14.26
CA CYS B 22 1.09 11.58 13.04
C CYS B 22 2.34 12.39 13.43
N THR B 23 3.48 11.82 13.07
CA THR B 23 4.81 12.32 13.42
C THR B 23 5.58 12.74 12.18
N GLY B 24 6.64 13.51 12.41
CA GLY B 24 7.53 13.88 11.26
C GLY B 24 8.86 14.44 11.73
N THR B 25 9.48 15.33 10.92
CA THR B 25 10.76 15.93 11.31
C THR B 25 11.29 17.15 10.62
N SER B 26 12.31 17.73 11.28
CA SER B 26 13.23 18.76 10.86
C SER B 26 12.66 20.12 10.51
N SER B 27 13.44 20.83 9.69
CA SER B 27 13.17 22.21 9.26
C SER B 27 12.88 23.07 10.49
N ASP B 28 11.84 23.90 10.44
CA ASP B 28 11.38 24.56 11.68
C ASP B 28 10.60 23.41 12.39
N VAL B 29 11.35 22.76 13.26
CA VAL B 29 10.77 21.53 13.89
C VAL B 29 9.44 21.98 14.48
N GLY B 30 8.40 21.31 14.02
CA GLY B 30 7.04 21.51 14.51
C GLY B 30 6.70 22.99 14.49
N GLY B 31 7.41 23.71 13.64
CA GLY B 31 7.36 25.15 13.46
C GLY B 31 6.29 25.50 12.40
N TYR B 32 5.92 24.46 11.67
CA TYR B 32 4.75 24.50 10.80
C TYR B 32 3.57 23.73 11.41
N ASN B 33 2.48 24.49 11.48
CA ASN B 33 1.20 24.01 12.03
C ASN B 33 0.17 24.04 10.89
N TYR B 34 0.60 23.45 9.78
CA TYR B 34 -0.22 23.39 8.55
C TYR B 34 -0.82 21.98 8.47
N VAL B 35 -0.78 21.33 9.64
CA VAL B 35 -1.25 19.94 9.74
C VAL B 35 -2.74 19.93 9.39
N SER B 36 -3.04 19.13 8.37
CA SER B 36 -4.45 18.97 7.94
C SER B 36 -4.81 17.47 7.97
N TRP B 37 -6.00 17.26 8.55
CA TRP B 37 -6.54 15.89 8.71
C TRP B 37 -7.68 15.62 7.73
N TYR B 38 -7.58 14.48 7.04
CA TYR B 38 -8.51 14.11 6.01
C TYR B 38 -9.03 12.66 6.15
N GLN B 39 -10.36 12.59 6.01
CA GLN B 39 -11.03 11.27 5.92
C GLN B 39 -11.23 10.94 4.44
N GLN B 40 -11.20 9.64 4.18
CA GLN B 40 -11.63 9.13 2.86
C GLN B 40 -12.09 7.68 3.04
N HIS B 41 -13.33 7.55 2.60
CA HIS B 41 -14.00 6.25 2.48
C HIS B 41 -13.62 5.63 1.13
N ALA B 42 -13.74 4.32 1.09
CA ALA B 42 -13.34 3.50 -0.05
C ALA B 42 -14.25 3.65 -1.26
N GLY B 43 -14.07 4.76 -1.95
CA GLY B 43 -14.76 5.03 -3.21
C GLY B 43 -14.84 6.55 -3.43
N LYS B 44 -14.38 7.26 -2.40
CA LYS B 44 -14.50 8.74 -2.46
C LYS B 44 -13.13 9.37 -2.62
N ALA B 45 -13.14 10.62 -3.04
CA ALA B 45 -11.98 11.54 -2.95
C ALA B 45 -12.02 12.21 -1.57
N PRO B 46 -10.84 12.49 -1.01
CA PRO B 46 -10.65 12.81 0.38
C PRO B 46 -11.24 14.04 0.99
N LYS B 47 -12.26 13.85 1.83
CA LYS B 47 -12.84 14.91 2.66
C LYS B 47 -11.78 15.46 3.61
N VAL B 48 -11.76 16.77 3.74
CA VAL B 48 -10.86 17.43 4.74
C VAL B 48 -11.73 17.74 5.96
N ILE B 49 -11.36 17.04 7.03
CA ILE B 49 -12.13 17.07 8.29
C ILE B 49 -11.49 18.01 9.30
N ILE B 50 -10.22 18.31 9.10
CA ILE B 50 -9.47 19.27 9.93
C ILE B 50 -8.37 19.99 9.17
N TYR B 51 -7.81 21.00 9.81
CA TYR B 51 -6.71 21.84 9.38
C TYR B 51 -6.14 22.73 10.49
N GLU B 52 -5.08 23.45 10.12
CA GLU B 52 -4.38 24.38 11.03
C GLU B 52 -4.31 23.75 12.43
N VAL B 53 -3.74 22.55 12.42
CA VAL B 53 -3.85 21.61 13.53
C VAL B 53 -5.15 21.57 14.28
N ASN B 54 -5.57 22.57 15.01
CA ASN B 54 -6.81 22.55 15.78
C ASN B 54 -8.09 22.96 15.11
N LYS B 55 -8.22 23.10 13.82
CA LYS B 55 -9.40 23.60 13.13
C LYS B 55 -10.24 22.66 12.30
N ARG B 56 -11.56 22.72 12.45
CA ARG B 56 -12.51 21.98 11.60
C ARG B 56 -13.20 22.95 10.65
N PRO B 57 -13.39 22.51 9.41
CA PRO B 57 -14.13 23.30 8.40
C PRO B 57 -15.61 23.32 8.74
N SER B 58 -16.40 24.06 7.97
CA SER B 58 -17.81 24.33 8.31
C SER B 58 -18.51 23.00 8.64
N GLY B 59 -19.01 22.94 9.87
CA GLY B 59 -19.72 21.80 10.39
C GLY B 59 -18.95 20.79 11.20
N VAL B 60 -18.28 19.86 10.53
CA VAL B 60 -17.48 18.77 11.04
C VAL B 60 -17.70 18.41 12.50
N PRO B 61 -18.20 17.18 12.69
CA PRO B 61 -18.72 16.72 13.98
C PRO B 61 -17.71 16.86 15.08
N ASP B 62 -18.05 17.61 16.09
CA ASP B 62 -17.21 18.01 17.21
C ASP B 62 -16.64 16.86 18.06
N ARG B 63 -16.85 15.67 17.56
CA ARG B 63 -16.31 14.43 18.14
C ARG B 63 -14.97 14.11 17.47
N PHE B 64 -14.78 14.55 16.24
CA PHE B 64 -13.44 14.58 15.63
C PHE B 64 -12.69 15.77 16.29
N SER B 65 -11.52 15.50 16.80
CA SER B 65 -10.66 16.52 17.44
C SER B 65 -9.23 16.45 16.92
N GLY B 66 -8.47 17.52 17.14
CA GLY B 66 -7.07 17.66 16.75
C GLY B 66 -6.17 18.03 17.93
N SER B 67 -4.89 17.70 17.82
CA SER B 67 -3.86 18.12 18.82
C SER B 67 -2.46 17.99 18.26
N LYS B 68 -1.49 18.76 18.78
CA LYS B 68 -0.14 18.79 18.22
C LYS B 68 0.88 19.45 19.13
N SER B 69 2.01 18.75 19.23
CA SER B 69 3.20 19.27 19.96
C SER B 69 4.45 18.60 19.40
N GLY B 70 5.58 19.24 19.56
CA GLY B 70 6.89 18.75 19.16
C GLY B 70 6.99 18.21 17.75
N ASN B 71 6.60 16.95 17.60
CA ASN B 71 6.70 16.25 16.31
C ASN B 71 5.45 15.42 16.00
N THR B 72 4.46 15.56 16.84
CA THR B 72 3.25 14.73 16.82
C THR B 72 1.98 15.57 16.87
N ALA B 73 1.25 15.44 15.77
CA ALA B 73 -0.13 15.92 15.62
C ALA B 73 -1.00 14.68 15.84
N SER B 74 -2.22 14.81 16.23
CA SER B 74 -3.11 13.74 16.64
C SER B 74 -4.53 14.10 16.23
N LEU B 75 -5.32 13.08 15.96
CA LEU B 75 -6.74 13.24 15.64
C LEU B 75 -7.52 12.21 16.48
N THR B 76 -8.17 12.75 17.50
CA THR B 76 -8.96 11.87 18.39
C THR B 76 -10.42 11.86 17.89
N VAL B 77 -10.90 10.63 17.77
CA VAL B 77 -12.30 10.40 17.43
C VAL B 77 -12.94 9.99 18.78
N SER B 78 -13.46 11.05 19.36
CA SER B 78 -14.11 11.07 20.65
C SER B 78 -15.56 10.60 20.53
N GLY B 79 -15.70 9.29 20.63
CA GLY B 79 -16.98 8.59 20.58
C GLY B 79 -17.22 7.96 19.22
N LEU B 80 -16.42 6.92 18.89
CA LEU B 80 -16.60 6.30 17.56
C LEU B 80 -18.04 5.97 17.16
N GLN B 81 -18.38 6.37 15.94
CA GLN B 81 -19.61 6.08 15.21
C GLN B 81 -19.27 5.16 14.01
N ALA B 82 -20.17 4.28 13.67
CA ALA B 82 -20.04 3.20 12.69
C ALA B 82 -19.47 3.61 11.35
N GLU B 83 -19.88 4.82 10.96
CA GLU B 83 -19.50 5.43 9.69
C GLU B 83 -18.26 6.29 9.84
N ASP B 84 -17.52 6.01 10.90
CA ASP B 84 -16.24 6.68 11.16
C ASP B 84 -15.16 5.74 10.61
N GLU B 85 -15.65 4.51 10.26
CA GLU B 85 -14.63 3.62 9.58
C GLU B 85 -14.22 4.22 8.25
N ALA B 86 -12.91 4.36 8.06
CA ALA B 86 -12.33 5.03 6.89
C ALA B 86 -10.80 5.08 6.91
N ASP B 87 -10.25 5.68 5.84
CA ASP B 87 -8.83 5.96 5.70
C ASP B 87 -8.65 7.40 6.28
N TYR B 88 -7.54 7.60 6.94
CA TYR B 88 -7.27 8.92 7.54
C TYR B 88 -5.83 9.32 7.29
N TYR B 89 -5.68 10.61 6.93
CA TYR B 89 -4.39 11.17 6.61
C TYR B 89 -4.06 12.54 7.24
N CYS B 90 -2.73 12.67 7.37
CA CYS B 90 -2.05 13.87 7.82
C CYS B 90 -1.43 14.48 6.54
N SER B 91 -1.19 15.77 6.71
CA SER B 91 -0.58 16.58 5.62
C SER B 91 0.14 17.76 6.30
N SER B 92 1.32 18.03 5.81
CA SER B 92 2.13 19.16 6.29
C SER B 92 2.86 19.82 5.12
N TYR B 93 2.84 21.13 5.14
CA TYR B 93 3.57 21.97 4.16
C TYR B 93 5.02 22.20 4.58
N GLU B 94 5.95 21.47 4.00
CA GLU B 94 7.38 21.60 4.19
C GLU B 94 7.94 22.98 3.89
N GLY B 95 7.16 23.83 3.23
CA GLY B 95 7.59 25.18 2.82
C GLY B 95 7.27 25.44 1.35
N SER B 96 6.45 26.46 1.16
CA SER B 96 5.96 26.95 -0.12
C SER B 96 5.53 25.79 -1.01
N ASP B 97 6.12 25.73 -2.19
CA ASP B 97 6.27 24.58 -3.05
C ASP B 97 6.17 23.18 -2.48
N ASN B 98 6.07 22.95 -1.19
CA ASN B 98 6.18 21.62 -0.56
C ASN B 98 4.98 21.14 0.25
N PHE B 99 4.63 19.88 0.09
CA PHE B 99 3.48 19.21 0.71
C PHE B 99 3.89 17.75 0.97
N VAL B 100 3.74 17.39 2.22
CA VAL B 100 4.16 16.10 2.78
C VAL B 100 2.89 15.42 3.29
N PHE B 101 2.79 14.14 3.03
CA PHE B 101 1.57 13.37 3.33
C PHE B 101 1.94 12.26 4.32
N GLY B 102 0.86 11.70 4.86
CA GLY B 102 1.06 10.60 5.87
C GLY B 102 0.88 9.27 5.16
N THR B 103 1.06 8.23 5.94
CA THR B 103 1.06 6.84 5.47
C THR B 103 -0.35 6.26 5.52
N GLY B 104 -1.18 6.87 6.36
CA GLY B 104 -2.59 6.52 6.46
C GLY B 104 -2.83 5.58 7.63
N THR B 105 -3.84 5.99 8.39
CA THR B 105 -4.42 5.12 9.43
C THR B 105 -5.78 4.62 8.98
N LYS B 106 -5.81 3.42 8.40
CA LYS B 106 -7.09 2.71 8.22
C LYS B 106 -7.67 2.51 9.62
N VAL B 107 -8.81 3.15 9.84
CA VAL B 107 -9.54 2.98 11.12
C VAL B 107 -10.70 2.01 10.90
N THR B 108 -10.77 1.00 11.75
CA THR B 108 -11.80 -0.02 11.71
C THR B 108 -12.62 -0.13 12.99
N VAL B 109 -13.94 -0.02 12.76
CA VAL B 109 -14.91 -0.30 13.83
C VAL B 109 -15.06 -1.83 13.92
N LEU B 110 -14.28 -2.34 14.84
CA LEU B 110 -14.08 -3.77 15.05
C LEU B 110 -15.32 -4.66 15.06
N GLY B 111 -15.35 -5.52 14.05
CA GLY B 111 -16.33 -6.59 13.96
C GLY B 111 -15.90 -7.78 14.83
N GLN B 112 -14.62 -8.10 14.74
CA GLN B 112 -14.04 -9.30 15.36
C GLN B 112 -13.20 -8.87 16.58
N PRO B 113 -12.61 -9.90 17.17
CA PRO B 113 -11.45 -9.68 18.07
C PRO B 113 -10.35 -9.14 17.14
N LYS B 114 -9.59 -8.25 17.71
CA LYS B 114 -8.41 -7.67 17.04
C LYS B 114 -7.38 -8.80 17.03
N ALA B 115 -6.95 -9.14 15.83
CA ALA B 115 -6.00 -10.25 15.63
C ALA B 115 -4.60 -9.77 15.30
N ASN B 116 -3.64 -10.18 16.13
CA ASN B 116 -2.22 -9.83 15.98
C ASN B 116 -1.42 -10.74 15.07
N PRO B 117 -0.63 -10.08 14.20
CA PRO B 117 -0.06 -10.68 13.00
C PRO B 117 0.92 -11.81 13.18
N THR B 118 0.62 -12.91 12.48
CA THR B 118 1.54 -14.05 12.34
C THR B 118 2.53 -13.74 11.22
N VAL B 119 3.81 -13.64 11.56
CA VAL B 119 4.84 -13.32 10.54
C VAL B 119 5.82 -14.48 10.41
N THR B 120 6.16 -14.78 9.15
CA THR B 120 7.15 -15.88 8.89
C THR B 120 8.07 -15.52 7.74
N LEU B 121 9.36 -15.57 8.00
CA LEU B 121 10.42 -15.20 7.05
C LEU B 121 11.07 -16.44 6.44
N PHE B 122 11.21 -16.39 5.12
CA PHE B 122 11.86 -17.50 4.38
C PHE B 122 13.01 -16.87 3.56
N PRO B 123 14.15 -17.55 3.63
CA PRO B 123 15.29 -17.21 2.76
C PRO B 123 15.34 -18.00 1.46
N PRO B 124 16.05 -17.43 0.48
CA PRO B 124 16.23 -18.01 -0.85
C PRO B 124 16.77 -19.43 -0.79
N SER B 125 16.06 -20.38 -1.37
CA SER B 125 16.46 -21.80 -1.30
C SER B 125 17.70 -22.07 -2.14
N SER B 126 18.33 -23.19 -1.79
CA SER B 126 19.45 -23.79 -2.51
C SER B 126 19.27 -23.66 -4.03
N GLU B 127 18.13 -24.12 -4.50
CA GLU B 127 17.76 -24.16 -5.91
C GLU B 127 17.64 -22.79 -6.55
N GLU B 128 16.91 -21.88 -5.91
CA GLU B 128 16.77 -20.50 -6.40
C GLU B 128 18.19 -19.91 -6.52
N LEU B 129 18.98 -20.20 -5.51
CA LEU B 129 20.40 -19.81 -5.47
C LEU B 129 21.19 -20.41 -6.64
N GLN B 130 20.84 -21.65 -6.96
CA GLN B 130 21.41 -22.41 -8.06
C GLN B 130 21.00 -21.81 -9.41
N ALA B 131 20.00 -20.94 -9.32
CA ALA B 131 19.48 -20.23 -10.49
C ALA B 131 19.91 -18.78 -10.62
N ASN B 132 20.89 -18.34 -9.88
CA ASN B 132 21.32 -16.96 -9.69
C ASN B 132 20.12 -16.01 -9.53
N LYS B 133 19.35 -16.34 -8.52
CA LYS B 133 18.16 -15.61 -8.09
C LYS B 133 18.15 -15.56 -6.55
N ALA B 134 17.94 -14.35 -6.00
CA ALA B 134 17.76 -14.29 -4.52
C ALA B 134 16.48 -13.57 -4.17
N THR B 135 15.48 -14.30 -3.66
CA THR B 135 14.27 -13.71 -3.10
C THR B 135 14.00 -14.27 -1.71
N LEU B 136 13.58 -13.34 -0.85
CA LEU B 136 13.11 -13.67 0.51
C LEU B 136 11.61 -13.34 0.54
N VAL B 137 10.87 -14.06 1.35
CA VAL B 137 9.43 -13.81 1.49
C VAL B 137 9.01 -13.81 2.96
N CYS B 138 8.42 -12.68 3.32
CA CYS B 138 7.85 -12.44 4.66
C CYS B 138 6.33 -12.55 4.51
N LEU B 139 5.87 -13.79 4.68
CA LEU B 139 4.40 -14.00 4.74
C LEU B 139 3.88 -13.36 6.03
N ILE B 140 2.92 -12.46 5.87
CA ILE B 140 2.19 -11.97 7.07
C ILE B 140 0.75 -12.46 7.06
N SER B 141 0.40 -13.36 7.97
CA SER B 141 -0.95 -13.91 8.07
C SER B 141 -1.67 -13.49 9.35
N ASP B 142 -3.00 -13.66 9.33
CA ASP B 142 -3.92 -13.62 10.41
C ASP B 142 -4.26 -12.37 11.17
N PHE B 143 -3.68 -11.23 10.91
CA PHE B 143 -4.05 -9.95 11.50
C PHE B 143 -5.51 -9.56 11.24
N TYR B 144 -6.01 -8.74 12.15
CA TYR B 144 -7.25 -7.98 12.02
C TYR B 144 -7.18 -6.72 12.91
N PRO B 145 -7.45 -5.56 12.34
CA PRO B 145 -7.76 -5.32 10.93
C PRO B 145 -6.56 -5.53 10.02
N GLY B 146 -6.88 -5.70 8.75
CA GLY B 146 -5.87 -5.73 7.68
C GLY B 146 -5.34 -4.30 7.54
N ALA B 147 -4.38 -4.01 8.38
CA ALA B 147 -3.61 -2.76 8.36
C ALA B 147 -2.35 -3.02 9.18
N VAL B 148 -1.25 -3.09 8.44
CA VAL B 148 0.07 -3.47 8.96
C VAL B 148 1.13 -2.56 8.33
N THR B 149 2.34 -2.63 8.85
CA THR B 149 3.52 -1.98 8.27
C THR B 149 4.63 -3.04 8.15
N VAL B 150 5.46 -2.90 7.14
CA VAL B 150 6.59 -3.78 6.90
C VAL B 150 7.83 -2.94 6.56
N ALA B 151 8.90 -3.27 7.26
CA ALA B 151 10.21 -2.62 7.10
C ALA B 151 11.26 -3.73 7.06
N TRP B 152 12.12 -3.64 6.06
CA TRP B 152 13.19 -4.63 5.90
C TRP B 152 14.52 -3.98 6.35
N LYS B 153 15.14 -4.76 7.26
CA LYS B 153 16.52 -4.39 7.65
C LYS B 153 17.52 -5.44 7.13
N ALA B 154 18.65 -4.90 6.71
CA ALA B 154 19.84 -5.73 6.41
C ALA B 154 20.85 -5.34 7.50
N ASP B 155 21.30 -6.32 8.27
CA ASP B 155 22.12 -6.12 9.47
C ASP B 155 21.60 -4.89 10.25
N GLY B 156 20.30 -4.89 10.41
CA GLY B 156 19.63 -3.93 11.30
C GLY B 156 19.49 -2.58 10.62
N SER B 157 20.13 -2.48 9.48
CA SER B 157 20.19 -1.25 8.68
C SER B 157 19.04 -1.26 7.67
N PRO B 158 18.04 -0.44 8.01
CA PRO B 158 16.78 -0.36 7.27
C PRO B 158 17.06 0.06 5.83
N VAL B 159 17.00 -0.93 4.95
CA VAL B 159 17.24 -0.64 3.52
C VAL B 159 15.94 -0.24 2.82
N LYS B 160 16.03 0.91 2.16
CA LYS B 160 15.02 1.39 1.20
C LYS B 160 15.46 0.96 -0.21
N ALA B 161 15.06 -0.26 -0.61
CA ALA B 161 15.38 -0.77 -1.96
C ALA B 161 14.34 -1.77 -2.45
N GLY B 162 14.79 -2.76 -3.20
CA GLY B 162 13.96 -3.72 -3.91
C GLY B 162 13.15 -4.64 -3.01
N VAL B 163 11.87 -4.35 -2.92
CA VAL B 163 10.92 -5.05 -2.05
C VAL B 163 9.51 -4.67 -2.51
N GLU B 164 8.54 -5.57 -2.35
CA GLU B 164 7.11 -5.15 -2.53
C GLU B 164 6.30 -5.72 -1.38
N THR B 165 5.09 -5.23 -1.20
CA THR B 165 4.13 -5.71 -0.22
C THR B 165 2.75 -5.79 -0.87
N THR B 166 2.21 -6.98 -0.93
CA THR B 166 0.80 -7.20 -1.33
C THR B 166 -0.15 -6.31 -0.53
N LYS B 167 -1.39 -6.21 -0.99
CA LYS B 167 -2.48 -5.63 -0.17
C LYS B 167 -2.96 -6.75 0.74
N PRO B 168 -3.44 -6.37 1.91
CA PRO B 168 -4.03 -7.36 2.85
C PRO B 168 -5.32 -7.88 2.27
N SER B 169 -5.46 -9.20 2.31
CA SER B 169 -6.58 -9.91 1.72
C SER B 169 -7.30 -10.87 2.68
N LYS B 170 -8.55 -10.51 2.89
CA LYS B 170 -9.55 -11.28 3.63
C LYS B 170 -9.52 -12.73 3.15
N GLN B 171 -8.91 -13.52 4.01
CA GLN B 171 -8.83 -14.98 3.90
C GLN B 171 -10.26 -15.51 4.16
N SER B 172 -10.40 -16.77 3.84
CA SER B 172 -11.59 -17.56 4.10
C SER B 172 -11.93 -17.73 5.57
N ASN B 173 -11.35 -16.89 6.41
CA ASN B 173 -11.61 -16.83 7.86
C ASN B 173 -11.67 -15.37 8.32
N ASN B 174 -11.77 -14.50 7.34
CA ASN B 174 -11.95 -13.06 7.47
C ASN B 174 -10.74 -12.36 8.11
N LYS B 175 -9.64 -13.08 8.15
CA LYS B 175 -8.37 -12.55 8.67
C LYS B 175 -7.52 -12.16 7.46
N TYR B 176 -6.59 -11.25 7.66
CA TYR B 176 -5.86 -10.69 6.50
C TYR B 176 -4.49 -11.30 6.31
N ALA B 177 -4.29 -11.71 5.04
CA ALA B 177 -2.93 -12.15 4.65
C ALA B 177 -2.30 -11.08 3.76
N ALA B 178 -1.01 -10.91 3.91
CA ALA B 178 -0.17 -10.05 3.09
C ALA B 178 1.18 -10.75 2.87
N SER B 179 1.98 -10.09 2.05
CA SER B 179 3.28 -10.58 1.60
C SER B 179 4.15 -9.34 1.29
N SER B 180 5.23 -9.28 2.00
CA SER B 180 6.34 -8.39 1.61
C SER B 180 7.42 -9.39 1.15
N TYR B 181 8.10 -8.97 0.12
CA TYR B 181 9.16 -9.77 -0.50
C TYR B 181 10.32 -8.80 -0.73
N LEU B 182 11.48 -9.44 -0.80
CA LEU B 182 12.74 -8.70 -1.03
C LEU B 182 13.51 -9.47 -2.09
N SER B 183 14.06 -8.74 -3.03
CA SER B 183 14.81 -9.34 -4.15
C SER B 183 16.26 -8.92 -4.16
N LEU B 184 17.10 -9.87 -3.78
CA LEU B 184 18.53 -9.79 -3.71
C LEU B 184 19.31 -10.59 -4.74
N THR B 185 20.62 -10.44 -4.53
CA THR B 185 21.69 -11.09 -5.26
C THR B 185 22.65 -11.84 -4.35
N PRO B 186 22.77 -13.15 -4.58
CA PRO B 186 23.63 -14.07 -3.87
C PRO B 186 24.99 -13.53 -3.46
N GLU B 187 25.38 -12.45 -4.06
CA GLU B 187 26.58 -11.68 -3.64
C GLU B 187 26.17 -10.92 -2.39
N GLN B 188 25.21 -10.02 -2.52
CA GLN B 188 24.75 -9.17 -1.42
C GLN B 188 24.15 -9.93 -0.25
N TRP B 189 23.54 -11.07 -0.54
CA TRP B 189 23.01 -11.97 0.52
C TRP B 189 24.16 -12.71 1.20
N LYS B 190 25.13 -13.10 0.36
CA LYS B 190 26.36 -13.74 0.97
C LYS B 190 27.17 -12.73 1.74
N SER B 191 27.33 -11.54 1.24
CA SER B 191 28.16 -10.46 1.73
C SER B 191 27.52 -9.73 2.91
N HIS B 192 26.54 -10.39 3.52
CA HIS B 192 25.83 -9.83 4.69
C HIS B 192 25.78 -10.88 5.79
N ARG B 193 24.96 -10.58 6.80
CA ARG B 193 25.02 -11.32 8.07
C ARG B 193 23.64 -11.77 8.53
N SER B 194 22.64 -10.98 8.16
CA SER B 194 21.30 -11.05 8.77
C SER B 194 20.29 -10.27 7.93
N TYR B 195 19.05 -10.70 7.93
CA TYR B 195 17.97 -10.09 7.15
C TYR B 195 16.64 -10.17 7.93
N SER B 196 16.20 -8.98 8.31
CA SER B 196 15.05 -8.79 9.16
C SER B 196 13.82 -8.34 8.36
N CYS B 197 12.71 -8.98 8.71
CA CYS B 197 11.37 -8.62 8.34
C CYS B 197 10.74 -8.08 9.65
N GLN B 198 10.64 -6.77 9.63
CA GLN B 198 10.07 -6.02 10.76
C GLN B 198 8.64 -5.58 10.42
N VAL B 199 7.70 -6.26 11.06
CA VAL B 199 6.27 -6.07 10.73
C VAL B 199 5.59 -5.49 11.96
N THR B 200 4.68 -4.55 11.75
CA THR B 200 4.02 -3.87 12.86
C THR B 200 2.52 -3.70 12.60
N HIS B 201 1.83 -3.76 13.74
CA HIS B 201 0.34 -3.78 13.72
C HIS B 201 -0.05 -3.00 14.97
N GLU B 202 -0.77 -1.92 14.76
CA GLU B 202 -0.98 -0.88 15.78
C GLU B 202 -0.82 -1.39 17.20
N GLY B 203 0.37 -1.11 17.76
CA GLY B 203 0.69 -1.38 19.16
C GLY B 203 1.52 -2.65 19.33
N SER B 204 2.10 -3.08 18.23
CA SER B 204 2.99 -4.22 18.16
C SER B 204 3.98 -4.06 16.99
N THR B 205 5.00 -4.87 17.03
CA THR B 205 6.12 -4.87 16.10
C THR B 205 6.96 -6.14 16.32
N VAL B 206 7.02 -6.92 15.29
CA VAL B 206 7.76 -8.14 15.16
C VAL B 206 8.97 -7.78 14.24
N GLU B 207 9.90 -8.66 14.33
CA GLU B 207 11.15 -8.66 13.60
C GLU B 207 11.60 -10.14 13.73
N LYS B 208 11.53 -10.73 12.55
CA LYS B 208 12.08 -12.11 12.43
C LYS B 208 13.24 -11.92 11.46
N THR B 209 14.30 -12.57 11.85
CA THR B 209 15.60 -12.47 11.21
C THR B 209 15.99 -13.83 10.66
N VAL B 210 16.53 -13.75 9.46
CA VAL B 210 17.09 -14.94 8.78
C VAL B 210 18.56 -14.61 8.54
N ALA B 211 19.37 -15.63 8.68
CA ALA B 211 20.84 -15.49 8.51
C ALA B 211 21.26 -16.42 7.37
N PRO B 212 22.23 -15.93 6.60
CA PRO B 212 22.79 -16.71 5.48
C PRO B 212 23.70 -17.79 6.04
N THR B 213 23.43 -18.98 5.59
CA THR B 213 24.22 -20.19 5.93
C THR B 213 24.65 -20.77 4.60
N GLU B 214 25.07 -22.03 4.52
CA GLU B 214 25.41 -22.61 3.23
C GLU B 214 24.85 -23.99 2.96
N CYS B 215 25.71 -24.99 3.07
CA CYS B 215 25.40 -26.34 2.52
C CYS B 215 25.84 -26.22 1.05
N SER B 216 24.98 -25.56 0.30
CA SER B 216 25.16 -25.22 -1.11
C SER B 216 24.27 -23.99 -1.41
N GLN C 2 -3.11 19.84 -0.58
CA GLN C 2 -2.82 21.15 -1.02
C GLN C 2 -2.76 22.29 -0.01
N HIS C 4 -3.20 25.29 1.01
CA HIS C 4 -3.04 26.52 0.35
C HIS C 4 -3.92 27.72 0.70
#